data_4CV7
#
_entry.id   4CV7
#
_cell.length_a   83.820
_cell.length_b   83.820
_cell.length_c   49.130
_cell.angle_alpha   90.00
_cell.angle_beta   90.00
_cell.angle_gamma   120.00
#
_symmetry.space_group_name_H-M   'P 61 2 2'
#
loop_
_entity.id
_entity.type
_entity.pdbx_description
1 polymer 'VIRULENCE ASSOCIATED PROTEIN VAPB'
2 non-polymer 'COBALT (II) ION'
3 water water
#
_entity_poly.entity_id   1
_entity_poly.type   'polypeptide(L)'
_entity_poly.pdbx_seq_one_letter_code
;EQEQQYDVHGNVISAAVYQKFHVYGPEDMVFDGDAGGLTIPGAGAFWGTLFTSDLQRLYKDTVSFQYNALGTYLNINFFD
SSGGFLGHIQAGAVSAVVGVGGGSGSWHNWEVA
;
_entity_poly.pdbx_strand_id   A
#
loop_
_chem_comp.id
_chem_comp.type
_chem_comp.name
_chem_comp.formula
CO non-polymer 'COBALT (II) ION' 'Co 2'
#
# COMPACT_ATOMS: atom_id res chain seq x y z
N GLU A 3 -3.96 -8.27 16.37
CA GLU A 3 -4.29 -7.30 15.31
C GLU A 3 -5.78 -6.91 15.21
N GLN A 4 -6.06 -5.60 15.18
CA GLN A 4 -7.38 -5.11 14.79
C GLN A 4 -7.49 -5.08 13.28
N GLN A 5 -8.70 -5.23 12.77
CA GLN A 5 -9.01 -5.19 11.36
C GLN A 5 -9.86 -4.01 11.03
N TYR A 6 -9.65 -3.50 9.85
CA TYR A 6 -10.35 -2.35 9.31
C TYR A 6 -10.58 -2.51 7.85
N ASP A 7 -11.76 -2.13 7.34
CA ASP A 7 -12.02 -2.14 5.94
C ASP A 7 -11.26 -1.02 5.30
N VAL A 8 -10.63 -1.22 4.15
CA VAL A 8 -9.96 -0.15 3.45
C VAL A 8 -10.21 -0.30 1.95
N HIS A 9 -9.94 0.74 1.21
CA HIS A 9 -9.97 0.65 -0.26
C HIS A 9 -8.88 1.53 -0.76
N GLY A 10 -8.49 1.38 -1.98
CA GLY A 10 -7.40 2.09 -2.54
C GLY A 10 -7.30 2.02 -4.04
N ASN A 11 -6.21 2.57 -4.57
CA ASN A 11 -6.01 2.44 -5.98
C ASN A 11 -4.50 2.49 -6.28
N VAL A 12 -4.16 2.11 -7.49
CA VAL A 12 -2.77 2.05 -7.97
CA VAL A 12 -2.79 2.10 -7.97
C VAL A 12 -2.76 2.55 -9.42
N ILE A 13 -1.76 3.34 -9.76
CA ILE A 13 -1.50 3.68 -11.16
C ILE A 13 -0.08 3.25 -11.41
N SER A 14 0.14 2.36 -12.38
CA SER A 14 1.46 1.90 -12.76
C SER A 14 1.91 2.47 -14.09
N ALA A 15 3.13 3.05 -14.19
N ALA A 15 3.18 2.93 -14.14
CA ALA A 15 3.62 3.59 -15.51
CA ALA A 15 3.92 3.15 -15.37
C ALA A 15 5.14 3.40 -15.51
C ALA A 15 4.94 2.08 -15.72
N ALA A 16 5.66 2.82 -16.60
N ALA A 16 4.72 0.86 -15.23
CA ALA A 16 7.03 2.24 -16.61
CA ALA A 16 5.56 -0.35 -15.42
C ALA A 16 7.38 1.44 -15.39
C ALA A 16 6.60 -0.39 -14.30
N VAL A 17 8.36 1.93 -14.65
N VAL A 17 7.61 0.48 -14.36
CA VAL A 17 8.89 1.13 -13.52
CA VAL A 17 8.60 0.58 -13.26
C VAL A 17 8.33 1.53 -12.18
C VAL A 17 8.23 1.44 -12.04
N TYR A 18 7.38 2.47 -12.21
CA TYR A 18 6.92 3.28 -11.15
C TYR A 18 5.41 3.01 -10.89
N GLN A 19 5.08 3.06 -9.60
CA GLN A 19 3.62 2.99 -9.22
C GLN A 19 3.30 3.99 -8.17
N LYS A 20 2.12 4.65 -8.32
CA LYS A 20 1.57 5.46 -7.26
C LYS A 20 0.41 4.73 -6.61
N PHE A 21 0.50 4.56 -5.27
CA PHE A 21 -0.54 3.95 -4.51
C PHE A 21 -1.28 4.99 -3.63
N HIS A 22 -2.58 4.82 -3.49
CA HIS A 22 -3.40 5.52 -2.46
C HIS A 22 -4.13 4.47 -1.72
N VAL A 23 -4.21 4.63 -0.45
CA VAL A 23 -5.11 3.85 0.38
C VAL A 23 -5.92 4.75 1.28
N TYR A 24 -7.19 4.49 1.42
CA TYR A 24 -8.10 5.25 2.29
C TYR A 24 -8.35 4.38 3.50
N GLY A 25 -7.81 4.77 4.64
CA GLY A 25 -7.84 3.97 5.83
C GLY A 25 -8.84 4.51 6.90
N PRO A 26 -8.95 3.83 8.00
CA PRO A 26 -9.86 4.27 9.07
C PRO A 26 -9.43 5.57 9.71
N GLU A 27 -10.41 6.25 10.31
CA GLU A 27 -10.12 7.56 10.93
C GLU A 27 -9.76 8.62 9.86
N ASP A 28 -10.29 8.43 8.63
CA ASP A 28 -10.23 9.44 7.58
C ASP A 28 -8.78 9.72 7.14
N MET A 29 -7.96 8.68 7.15
CA MET A 29 -6.57 8.87 6.86
C MET A 29 -6.24 8.37 5.45
N VAL A 30 -5.23 8.91 4.83
CA VAL A 30 -4.92 8.57 3.49
C VAL A 30 -3.41 8.23 3.36
N PHE A 31 -3.11 7.08 2.74
CA PHE A 31 -1.72 6.66 2.43
C PHE A 31 -1.41 7.13 1.01
N ASP A 32 -0.29 7.82 0.87
CA ASP A 32 0.28 8.20 -0.45
CA ASP A 32 0.24 8.13 -0.45
C ASP A 32 1.60 7.48 -0.57
N GLY A 33 1.68 6.56 -1.51
CA GLY A 33 2.97 5.84 -1.69
C GLY A 33 3.47 5.80 -3.10
N ASP A 34 4.80 5.87 -3.19
CA ASP A 34 5.50 5.94 -4.45
C ASP A 34 6.46 4.76 -4.51
N ALA A 35 6.22 3.85 -5.42
CA ALA A 35 6.97 2.60 -5.46
C ALA A 35 7.69 2.49 -6.77
N GLY A 36 8.78 1.66 -6.77
CA GLY A 36 9.29 1.01 -7.93
C GLY A 36 8.95 -0.45 -7.92
N GLY A 37 8.89 -1.03 -9.07
CA GLY A 37 8.56 -2.46 -9.16
C GLY A 37 8.46 -2.90 -10.56
N LEU A 38 8.54 -4.15 -10.82
CA LEU A 38 8.49 -4.69 -12.15
C LEU A 38 7.04 -5.11 -12.32
N THR A 39 6.27 -4.29 -12.98
CA THR A 39 4.94 -4.67 -13.27
C THR A 39 4.37 -4.09 -14.56
N ILE A 40 3.16 -4.56 -14.88
CA ILE A 40 2.37 -4.17 -16.02
C ILE A 40 1.80 -2.75 -15.86
N PRO A 41 1.88 -1.95 -16.91
CA PRO A 41 1.27 -0.64 -16.80
C PRO A 41 -0.25 -0.71 -16.76
N GLY A 42 -0.84 0.24 -16.08
CA GLY A 42 -2.29 0.25 -15.91
C GLY A 42 -2.70 0.84 -14.62
N ALA A 43 -3.98 0.81 -14.29
CA ALA A 43 -4.54 1.47 -13.16
C ALA A 43 -5.53 0.49 -12.64
N GLY A 44 -5.71 0.42 -11.35
CA GLY A 44 -6.86 -0.25 -10.80
C GLY A 44 -7.19 0.11 -9.38
N ALA A 45 -8.38 -0.22 -8.94
CA ALA A 45 -8.87 -0.01 -7.59
C ALA A 45 -8.87 -1.37 -6.84
N PHE A 46 -8.81 -1.29 -5.52
CA PHE A 46 -8.83 -2.46 -4.71
C PHE A 46 -9.61 -2.22 -3.42
N TRP A 47 -10.12 -3.33 -2.88
CA TRP A 47 -10.75 -3.34 -1.58
C TRP A 47 -10.06 -4.34 -0.76
N GLY A 48 -10.00 -4.10 0.51
CA GLY A 48 -9.38 -5.08 1.36
C GLY A 48 -9.43 -4.74 2.85
N THR A 49 -8.57 -5.41 3.62
CA THR A 49 -8.54 -5.28 5.03
C THR A 49 -7.19 -4.83 5.47
N LEU A 50 -7.12 -3.83 6.30
CA LEU A 50 -5.95 -3.43 7.02
C LEU A 50 -5.89 -4.17 8.38
N PHE A 51 -4.78 -4.80 8.69
CA PHE A 51 -4.52 -5.46 9.92
C PHE A 51 -3.42 -4.70 10.62
N THR A 52 -3.63 -4.23 11.82
CA THR A 52 -2.56 -3.59 12.63
C THR A 52 -2.82 -3.69 14.08
N SER A 53 -1.82 -3.91 14.89
CA SER A 53 -1.92 -3.90 16.32
CA SER A 53 -1.98 -3.87 16.33
C SER A 53 -1.81 -2.50 16.93
N ASP A 54 -1.51 -1.50 16.13
CA ASP A 54 -1.43 -0.12 16.68
C ASP A 54 -1.57 0.88 15.47
N LEU A 55 -2.82 1.25 15.28
CA LEU A 55 -3.21 2.13 14.19
C LEU A 55 -2.50 3.46 14.24
N GLN A 56 -2.46 4.06 15.43
CA GLN A 56 -1.83 5.33 15.53
C GLN A 56 -0.35 5.27 15.23
N ARG A 57 0.32 4.20 15.63
CA ARG A 57 1.73 4.01 15.33
C ARG A 57 1.93 3.82 13.81
N LEU A 58 1.02 3.07 13.18
CA LEU A 58 1.08 2.87 11.74
C LEU A 58 1.06 4.22 11.05
N TYR A 59 0.12 5.08 11.47
CA TYR A 59 -0.02 6.33 10.83
C TYR A 59 1.13 7.27 11.12
N LYS A 60 1.64 7.26 12.32
CA LYS A 60 2.77 8.10 12.70
CA LYS A 60 2.77 8.14 12.63
C LYS A 60 4.06 7.70 11.98
N ASP A 61 4.36 6.39 12.02
CA ASP A 61 5.73 5.92 11.77
C ASP A 61 5.96 5.33 10.41
N THR A 62 4.93 5.05 9.64
CA THR A 62 5.14 4.50 8.31
C THR A 62 5.99 5.50 7.50
N VAL A 63 7.09 4.99 6.92
CA VAL A 63 7.90 5.68 5.91
C VAL A 63 8.05 4.95 4.62
N SER A 64 7.82 3.65 4.65
CA SER A 64 8.05 2.81 3.43
C SER A 64 7.03 1.73 3.40
N PHE A 65 6.92 1.12 2.22
CA PHE A 65 5.96 0.02 2.00
C PHE A 65 6.53 -0.91 0.95
N GLN A 66 6.03 -2.17 1.00
CA GLN A 66 6.33 -3.14 0.00
C GLN A 66 5.09 -3.87 -0.37
N TYR A 67 4.96 -4.20 -1.62
CA TYR A 67 3.79 -4.96 -2.09
C TYR A 67 4.18 -6.25 -2.77
N ASN A 68 3.27 -7.21 -2.80
CA ASN A 68 3.52 -8.52 -3.40
C ASN A 68 2.21 -8.97 -3.94
N ALA A 69 2.26 -9.26 -5.22
CA ALA A 69 1.16 -9.80 -5.95
C ALA A 69 1.47 -11.11 -6.53
N LEU A 70 2.33 -11.93 -5.94
CA LEU A 70 2.71 -13.19 -6.57
C LEU A 70 1.70 -14.20 -6.18
N GLY A 71 0.94 -14.00 -5.12
CA GLY A 71 -0.04 -15.04 -4.69
C GLY A 71 -1.47 -14.68 -5.06
N THR A 72 -2.44 -15.03 -4.23
CA THR A 72 -3.85 -14.92 -4.58
C THR A 72 -4.41 -13.53 -4.34
N TYR A 73 -3.75 -12.77 -3.45
CA TYR A 73 -4.17 -11.44 -3.05
C TYR A 73 -3.04 -10.43 -3.33
N LEU A 74 -3.39 -9.19 -3.28
CA LEU A 74 -2.43 -8.09 -3.14
C LEU A 74 -2.10 -7.86 -1.71
N ASN A 75 -0.84 -8.06 -1.35
CA ASN A 75 -0.39 -7.81 -0.03
C ASN A 75 0.43 -6.53 -0.01
N ILE A 76 0.14 -5.68 0.98
CA ILE A 76 0.94 -4.43 1.18
C ILE A 76 1.39 -4.42 2.61
N ASN A 77 2.71 -4.34 2.82
CA ASN A 77 3.29 -4.21 4.19
C ASN A 77 3.80 -2.80 4.39
N PHE A 78 3.63 -2.31 5.61
CA PHE A 78 4.10 -0.98 5.97
C PHE A 78 5.19 -1.05 6.98
N PHE A 79 6.22 -0.21 6.82
CA PHE A 79 7.41 -0.20 7.67
C PHE A 79 7.83 1.16 8.15
N ASP A 80 8.40 1.17 9.34
CA ASP A 80 9.11 2.36 9.91
C ASP A 80 10.51 2.49 9.42
N SER A 81 11.14 3.57 9.84
CA SER A 81 12.47 3.89 9.31
C SER A 81 13.54 2.88 9.77
N SER A 82 13.32 2.07 10.79
CA SER A 82 14.21 1.06 11.26
C SER A 82 13.75 -0.29 10.75
N GLY A 83 12.90 -0.37 9.76
CA GLY A 83 12.44 -1.65 9.20
C GLY A 83 11.40 -2.35 10.01
N GLY A 84 10.89 -1.68 11.05
CA GLY A 84 9.85 -2.29 11.83
C GLY A 84 8.59 -2.44 11.09
N PHE A 85 7.92 -3.57 11.10
CA PHE A 85 6.64 -3.86 10.50
C PHE A 85 5.51 -3.31 11.27
N LEU A 86 4.70 -2.44 10.70
CA LEU A 86 3.68 -1.72 11.37
C LEU A 86 2.27 -2.22 11.12
N GLY A 87 2.06 -3.07 10.10
CA GLY A 87 0.76 -3.57 9.71
C GLY A 87 0.76 -3.84 8.23
N HIS A 88 -0.34 -4.45 7.77
CA HIS A 88 -0.44 -4.84 6.37
C HIS A 88 -1.91 -4.81 5.93
N ILE A 89 -2.03 -4.71 4.60
CA ILE A 89 -3.30 -4.85 3.94
C ILE A 89 -3.29 -6.08 3.10
N GLN A 90 -4.39 -6.80 3.21
CA GLN A 90 -4.78 -7.92 2.29
CA GLN A 90 -4.75 -7.91 2.27
CA GLN A 90 -4.68 -7.84 2.22
C GLN A 90 -5.88 -7.39 1.38
N ALA A 91 -5.65 -7.34 0.08
CA ALA A 91 -6.59 -6.71 -0.89
C ALA A 91 -6.85 -7.66 -2.08
N GLY A 92 -7.92 -7.44 -2.80
CA GLY A 92 -8.10 -8.23 -4.06
C GLY A 92 -7.01 -7.86 -5.08
N ALA A 93 -6.64 -8.84 -5.88
CA ALA A 93 -5.62 -8.71 -6.93
C ALA A 93 -6.00 -7.59 -7.90
N VAL A 94 -5.00 -6.90 -8.43
CA VAL A 94 -5.16 -5.83 -9.44
C VAL A 94 -4.26 -6.20 -10.58
N SER A 95 -4.75 -6.18 -11.83
CA SER A 95 -4.02 -6.85 -12.87
C SER A 95 -2.80 -6.10 -13.35
N ALA A 96 -2.76 -4.79 -13.14
CA ALA A 96 -1.59 -3.93 -13.34
C ALA A 96 -0.49 -4.13 -12.34
N VAL A 97 -0.69 -4.91 -11.26
N VAL A 97 -0.77 -4.88 -11.25
CA VAL A 97 0.37 -5.11 -10.25
CA VAL A 97 0.23 -5.22 -10.23
C VAL A 97 0.69 -6.58 -10.07
C VAL A 97 0.52 -6.70 -10.24
N VAL A 98 1.79 -7.05 -10.62
N VAL A 98 1.59 -7.05 -10.92
CA VAL A 98 1.87 -8.51 -10.87
CA VAL A 98 2.12 -8.41 -10.81
C VAL A 98 3.08 -9.08 -10.16
C VAL A 98 3.37 -8.13 -10.03
N GLY A 99 4.01 -8.21 -9.64
N GLY A 99 4.08 -9.15 -9.57
CA GLY A 99 3.90 -7.49 -8.33
CA GLY A 99 5.37 -8.96 -9.08
C GLY A 99 4.90 -8.06 -7.27
C GLY A 99 5.43 -8.41 -7.69
N VAL A 100 6.25 -7.85 -7.28
N VAL A 100 6.64 -7.97 -7.29
CA VAL A 100 6.84 -7.36 -6.07
CA VAL A 100 6.84 -7.35 -6.07
C VAL A 100 7.46 -5.95 -6.30
C VAL A 100 7.36 -5.89 -6.36
N GLY A 101 7.28 -5.06 -5.35
CA GLY A 101 7.90 -3.73 -5.47
C GLY A 101 7.73 -3.03 -4.15
N GLY A 102 8.09 -1.77 -4.15
CA GLY A 102 8.02 -1.04 -2.91
C GLY A 102 8.66 0.32 -3.03
N GLY A 103 8.53 1.15 -2.01
CA GLY A 103 9.08 2.49 -2.01
C GLY A 103 8.69 3.23 -0.80
N SER A 104 8.65 4.56 -0.91
CA SER A 104 8.37 5.47 0.20
CA SER A 104 8.35 5.45 0.20
C SER A 104 6.85 5.73 0.29
N GLY A 105 6.37 6.02 1.45
CA GLY A 105 5.02 6.51 1.59
C GLY A 105 4.79 6.91 3.01
N SER A 106 3.68 7.64 3.15
CA SER A 106 3.24 8.06 4.51
C SER A 106 1.72 8.33 4.51
N TRP A 107 1.23 8.42 5.72
CA TRP A 107 -0.22 8.66 5.97
C TRP A 107 -0.40 10.11 6.32
N HIS A 108 -1.55 10.62 5.86
CA HIS A 108 -1.90 12.00 6.29
C HIS A 108 -3.40 12.13 6.42
N ASN A 109 -3.89 13.25 7.02
CA ASN A 109 -5.28 13.49 7.22
C ASN A 109 -5.77 14.37 6.08
N TRP A 110 -7.04 14.82 6.19
CA TRP A 110 -7.67 15.55 5.09
C TRP A 110 -7.05 16.91 4.85
N GLU A 111 -6.39 17.47 5.86
CA GLU A 111 -5.72 18.79 5.73
C GLU A 111 -4.58 18.85 4.69
N VAL A 112 -4.02 17.70 4.32
CA VAL A 112 -2.97 17.45 3.31
C VAL A 112 -3.58 16.78 2.07
N ALA A 113 -3.32 17.30 0.87
CA ALA A 113 -4.04 16.84 -0.33
C ALA A 113 -3.89 15.33 -0.59
CO CO B . -2.46 11.59 -3.28
CO CO C . 5.79 10.66 -0.25
#